data_1VFZ
#
_entry.id   1VFZ
#
_cell.length_a   41.471
_cell.length_b   51.805
_cell.length_c   156.992
_cell.angle_alpha   90.00
_cell.angle_beta   90.00
_cell.angle_gamma   90.00
#
_symmetry.space_group_name_H-M   'P 21 21 21'
#
loop_
_entity.id
_entity.type
_entity.pdbx_description
1 polymer 'PROTEIN (Fusion protein consisting of Kinesin-like protein KIF1A, Kinesin heavy chain isoform 5C and A HIS TAG'
2 non-polymer 'VANADATE ION'
3 non-polymer 'MAGNESIUM ION'
4 non-polymer "ADENOSINE-5'-DIPHOSPHATE"
5 water water
#
_entity_poly.entity_id   1
_entity_poly.type   'polypeptide(L)'
_entity_poly.pdbx_seq_one_letter_code
;MAGASVKVAVRVRPFNSREMSRDSKCIIQMSGSTTTIVNPKQPKETPKSFSFDYSYWSHTSPEDINYASQKQVYRDIGEE
MLQHAFEGYNVCIFAYGQTGAGKSYTMMGKQEKDQQGIIPQLCEDLFSRINDTTNDNMSYSVEVSYMEIYCERVRDLLNP
KNKGNLRVREHPLLGPYVEDLSKLAVTSYNDIQDLMDSGNKPRTVAATNMNETSSRSHAVFNIIFTQKRHDAETNITTEK
VSKISLVDLAGSERADSTGAKGTRLKEGANINKSLTTLGKVISALAEMDSGPNKNKKKKKTDFIPYRDSVLTWLLRENLG
GNSRTAMVAALSPADINYDETLSTLRYADRAKQIRNTVSVNHHHHH
;
_entity_poly.pdbx_strand_id   A
#
# COMPACT_ATOMS: atom_id res chain seq x y z
N ALA A 4 4.41 17.12 -3.88
CA ALA A 4 3.92 16.97 -2.48
C ALA A 4 4.65 15.84 -1.76
N SER A 5 4.68 15.90 -0.43
CA SER A 5 5.35 14.86 0.34
C SER A 5 4.38 13.77 0.71
N VAL A 6 3.10 14.12 0.72
CA VAL A 6 2.07 13.12 1.00
C VAL A 6 0.92 13.24 0.04
N LYS A 7 0.40 12.10 -0.39
CA LYS A 7 -0.74 12.11 -1.31
C LYS A 7 -1.77 11.15 -0.77
N VAL A 8 -3.03 11.49 -0.89
CA VAL A 8 -4.09 10.66 -0.35
C VAL A 8 -5.24 10.54 -1.32
N ALA A 9 -5.72 9.31 -1.51
CA ALA A 9 -6.83 9.09 -2.40
C ALA A 9 -7.73 8.06 -1.79
N VAL A 10 -8.99 8.09 -2.17
CA VAL A 10 -9.90 7.10 -1.64
C VAL A 10 -10.50 6.42 -2.87
N ARG A 11 -10.92 5.18 -2.74
CA ARG A 11 -11.48 4.48 -3.89
C ARG A 11 -12.62 3.56 -3.50
N VAL A 12 -13.80 3.79 -4.08
CA VAL A 12 -14.94 2.93 -3.77
C VAL A 12 -15.11 1.86 -4.87
N ARG A 13 -15.39 0.64 -4.43
CA ARG A 13 -15.52 -0.52 -5.28
C ARG A 13 -16.96 -0.96 -5.60
N PRO A 14 -17.11 -2.00 -6.44
CA PRO A 14 -18.45 -2.47 -6.79
C PRO A 14 -19.00 -3.27 -5.62
N PHE A 15 -20.30 -3.46 -5.56
CA PHE A 15 -20.86 -4.22 -4.46
C PHE A 15 -20.18 -5.58 -4.45
N ASN A 16 -20.01 -6.18 -3.28
CA ASN A 16 -19.40 -7.47 -3.24
C ASN A 16 -20.52 -8.44 -2.99
N SER A 17 -20.19 -9.70 -2.78
CA SER A 17 -21.21 -10.69 -2.56
C SER A 17 -22.03 -10.48 -1.29
N ARG A 18 -21.37 -10.12 -0.19
CA ARG A 18 -22.10 -9.89 1.07
C ARG A 18 -23.14 -8.80 0.86
N GLU A 19 -22.73 -7.72 0.21
CA GLU A 19 -23.64 -6.60 -0.06
C GLU A 19 -24.78 -6.91 -1.02
N MET A 20 -24.60 -7.91 -1.88
CA MET A 20 -25.60 -8.36 -2.81
C MET A 20 -26.70 -9.07 -2.05
N SER A 21 -26.25 -10.02 -1.24
CA SER A 21 -27.20 -10.81 -0.46
C SER A 21 -28.03 -9.96 0.50
N ARG A 22 -27.47 -8.84 0.96
CA ARG A 22 -28.18 -7.96 1.88
C ARG A 22 -29.00 -6.87 1.21
N ASP A 23 -29.00 -6.87 -0.12
CA ASP A 23 -29.73 -5.87 -0.91
C ASP A 23 -29.21 -4.47 -0.59
N SER A 24 -27.92 -4.36 -0.30
CA SER A 24 -27.33 -3.08 0.05
C SER A 24 -27.54 -1.92 -0.90
N LYS A 25 -27.73 -0.73 -0.34
CA LYS A 25 -27.89 0.47 -1.15
C LYS A 25 -26.51 1.07 -1.20
N CYS A 26 -26.26 1.94 -2.17
CA CYS A 26 -24.96 2.60 -2.26
C CYS A 26 -25.07 3.88 -1.44
N ILE A 27 -24.10 4.13 -0.57
CA ILE A 27 -24.15 5.35 0.24
C ILE A 27 -22.97 6.26 -0.07
N ILE A 28 -22.17 5.87 -1.06
CA ILE A 28 -21.02 6.67 -1.45
C ILE A 28 -21.30 7.40 -2.74
N GLN A 29 -20.83 8.64 -2.85
CA GLN A 29 -21.01 9.45 -4.05
C GLN A 29 -19.69 10.17 -4.19
N MET A 30 -19.36 10.59 -5.41
CA MET A 30 -18.10 11.24 -5.67
C MET A 30 -18.26 12.24 -6.80
N SER A 31 -17.51 13.33 -6.71
CA SER A 31 -17.51 14.37 -7.73
C SER A 31 -16.19 15.10 -7.57
N GLY A 32 -15.40 15.12 -8.63
CA GLY A 32 -14.10 15.77 -8.56
C GLY A 32 -13.20 15.00 -7.62
N SER A 33 -12.64 15.69 -6.62
CA SER A 33 -11.76 15.04 -5.65
C SER A 33 -12.51 14.85 -4.34
N THR A 34 -13.82 15.04 -4.39
CA THR A 34 -14.66 14.94 -3.22
C THR A 34 -15.57 13.70 -3.10
N THR A 35 -15.58 13.09 -1.92
CA THR A 35 -16.42 11.93 -1.63
C THR A 35 -17.42 12.29 -0.53
N THR A 36 -18.68 11.94 -0.72
CA THR A 36 -19.72 12.17 0.28
C THR A 36 -20.22 10.82 0.76
N ILE A 37 -20.61 10.74 2.02
CA ILE A 37 -21.11 9.49 2.57
C ILE A 37 -22.43 9.74 3.32
N VAL A 38 -23.45 8.96 2.98
CA VAL A 38 -24.76 9.10 3.58
C VAL A 38 -24.94 8.14 4.76
N ASN A 39 -25.77 8.53 5.72
CA ASN A 39 -26.02 7.68 6.86
C ASN A 39 -27.30 6.94 6.54
N PRO A 40 -27.21 5.62 6.32
CA PRO A 40 -28.37 4.78 5.99
C PRO A 40 -29.54 4.96 6.94
N LYS A 41 -29.26 5.32 8.19
CA LYS A 41 -30.33 5.54 9.16
C LYS A 41 -31.04 6.88 8.91
N GLN A 42 -30.27 7.90 8.52
CA GLN A 42 -30.84 9.19 8.22
C GLN A 42 -30.61 9.54 6.76
N PRO A 43 -31.26 8.77 5.87
CA PRO A 43 -31.09 9.02 4.43
C PRO A 43 -31.63 10.38 4.00
N LYS A 44 -32.44 10.98 4.87
CA LYS A 44 -33.03 12.27 4.59
C LYS A 44 -32.06 13.42 4.91
N GLU A 45 -30.80 13.06 5.12
CA GLU A 45 -29.72 13.97 5.50
C GLU A 45 -28.93 14.50 4.30
N THR A 46 -28.07 15.48 4.61
CA THR A 46 -27.14 16.02 3.64
C THR A 46 -25.88 15.20 3.88
N PRO A 47 -25.41 14.49 2.84
CA PRO A 47 -24.21 13.66 2.98
C PRO A 47 -23.05 14.42 3.61
N LYS A 48 -22.19 13.70 4.31
CA LYS A 48 -21.02 14.30 4.90
C LYS A 48 -19.97 14.32 3.79
N SER A 49 -19.22 15.42 3.68
CA SER A 49 -18.22 15.55 2.61
C SER A 49 -16.78 15.45 3.05
N PHE A 50 -15.94 14.97 2.12
CA PHE A 50 -14.51 14.81 2.34
C PHE A 50 -13.82 15.16 1.04
N SER A 51 -12.61 15.71 1.13
CA SER A 51 -11.87 16.07 -0.05
C SER A 51 -10.49 15.46 0.07
N PHE A 52 -9.96 14.98 -1.06
CA PHE A 52 -8.64 14.36 -1.07
C PHE A 52 -7.97 14.72 -2.36
N ASP A 53 -6.76 14.21 -2.56
CA ASP A 53 -6.08 14.49 -3.81
C ASP A 53 -6.88 13.83 -4.94
N TYR A 54 -7.38 12.64 -4.67
CA TYR A 54 -8.16 11.91 -5.66
C TYR A 54 -9.28 11.14 -5.02
N SER A 55 -10.46 11.20 -5.62
CA SER A 55 -11.58 10.41 -5.15
C SER A 55 -11.92 9.49 -6.34
N TYR A 56 -11.48 8.23 -6.28
CA TYR A 56 -11.72 7.25 -7.37
C TYR A 56 -13.05 6.49 -7.34
N TRP A 57 -13.92 6.80 -8.29
CA TRP A 57 -15.20 6.12 -8.38
C TRP A 57 -15.02 4.84 -9.25
N SER A 58 -14.89 3.68 -8.60
CA SER A 58 -14.72 2.38 -9.28
C SER A 58 -15.86 1.48 -8.82
N HIS A 59 -17.05 2.04 -8.69
CA HIS A 59 -18.20 1.30 -8.21
C HIS A 59 -18.98 0.52 -9.29
N THR A 60 -18.80 0.91 -10.55
CA THR A 60 -19.49 0.23 -11.65
C THR A 60 -18.59 -0.82 -12.31
N SER A 61 -18.07 -0.51 -13.49
CA SER A 61 -17.20 -1.45 -14.19
C SER A 61 -16.50 -0.72 -15.30
N PRO A 62 -15.42 -1.31 -15.84
CA PRO A 62 -14.69 -0.67 -16.94
C PRO A 62 -15.60 -0.34 -18.15
N GLU A 63 -16.83 -0.85 -18.13
CA GLU A 63 -17.83 -0.57 -19.18
C GLU A 63 -18.36 0.86 -19.10
N ASP A 64 -18.29 1.44 -17.91
CA ASP A 64 -18.71 2.76 -17.53
C ASP A 64 -17.68 3.74 -18.03
N ILE A 65 -18.09 4.85 -18.65
CA ILE A 65 -17.13 5.84 -19.07
C ILE A 65 -16.48 6.46 -17.82
N ASN A 66 -17.20 6.55 -16.72
CA ASN A 66 -16.51 7.21 -15.61
C ASN A 66 -16.13 6.23 -14.48
N TYR A 67 -15.67 5.07 -14.90
CA TYR A 67 -15.15 4.10 -13.98
C TYR A 67 -13.65 4.42 -13.85
N ALA A 68 -13.14 4.38 -12.62
CA ALA A 68 -11.73 4.68 -12.41
C ALA A 68 -11.02 3.35 -12.44
N SER A 69 -10.21 3.16 -13.45
CA SER A 69 -9.50 1.89 -13.65
C SER A 69 -8.12 1.83 -13.06
N GLN A 70 -7.57 0.62 -13.03
CA GLN A 70 -6.25 0.36 -12.53
C GLN A 70 -5.18 1.18 -13.23
N LYS A 71 -5.41 1.49 -14.50
CA LYS A 71 -4.41 2.26 -15.21
C LYS A 71 -4.46 3.70 -14.77
N GLN A 72 -5.68 4.18 -14.51
CA GLN A 72 -5.88 5.55 -14.05
C GLN A 72 -5.21 5.72 -12.68
N VAL A 73 -5.65 4.94 -11.71
CA VAL A 73 -5.09 5.01 -10.37
C VAL A 73 -3.57 5.04 -10.41
N TYR A 74 -2.99 4.18 -11.24
CA TYR A 74 -1.55 4.08 -11.37
C TYR A 74 -0.87 5.27 -12.04
N ARG A 75 -1.48 5.83 -13.07
CA ARG A 75 -0.86 6.95 -13.76
C ARG A 75 -0.83 8.19 -12.88
N ASP A 76 -1.80 8.27 -11.96
CA ASP A 76 -1.86 9.38 -11.02
C ASP A 76 -0.83 9.16 -9.92
N ILE A 77 -1.04 8.11 -9.12
CA ILE A 77 -0.18 7.78 -8.00
C ILE A 77 1.15 7.08 -8.33
N GLY A 78 1.08 5.86 -8.85
CA GLY A 78 2.27 5.10 -9.19
C GLY A 78 3.32 5.75 -10.06
N GLU A 79 2.93 6.24 -11.23
CA GLU A 79 3.85 6.90 -12.16
C GLU A 79 4.62 8.03 -11.47
N GLU A 80 3.92 8.85 -10.71
CA GLU A 80 4.55 9.98 -9.99
C GLU A 80 5.64 9.48 -9.07
N MET A 81 5.31 8.47 -8.28
CA MET A 81 6.23 7.87 -7.32
C MET A 81 7.45 7.23 -8.00
N LEU A 82 7.22 6.52 -9.09
CA LEU A 82 8.37 5.90 -9.72
C LEU A 82 9.28 6.98 -10.25
N GLN A 83 8.72 8.07 -10.75
CA GLN A 83 9.57 9.16 -11.20
C GLN A 83 10.42 9.71 -10.08
N HIS A 84 9.77 9.87 -8.91
CA HIS A 84 10.54 10.34 -7.77
C HIS A 84 11.70 9.39 -7.49
N ALA A 85 11.40 8.08 -7.60
CA ALA A 85 12.42 7.01 -7.37
C ALA A 85 13.63 7.14 -8.31
N PHE A 86 13.40 7.60 -9.53
CA PHE A 86 14.51 7.77 -10.48
C PHE A 86 15.36 8.96 -10.06
N GLU A 87 14.77 9.85 -9.26
CA GLU A 87 15.49 11.03 -8.79
C GLU A 87 16.47 10.67 -7.68
N GLY A 88 16.30 9.49 -7.09
CA GLY A 88 17.19 9.05 -6.05
C GLY A 88 16.58 9.05 -4.66
N TYR A 89 15.28 9.29 -4.59
CA TYR A 89 14.62 9.33 -3.30
C TYR A 89 13.65 8.19 -3.05
N ASN A 90 13.51 7.83 -1.77
CA ASN A 90 12.63 6.75 -1.39
C ASN A 90 11.18 7.17 -1.53
N VAL A 91 10.30 6.18 -1.73
CA VAL A 91 8.88 6.44 -1.88
C VAL A 91 8.13 5.33 -1.19
N CYS A 92 6.84 5.49 -1.05
CA CYS A 92 6.05 4.53 -0.32
C CYS A 92 4.60 4.65 -0.73
N ILE A 93 3.93 3.54 -1.01
CA ILE A 93 2.51 3.57 -1.34
C ILE A 93 1.80 2.61 -0.43
N PHE A 94 0.76 3.08 0.26
CA PHE A 94 0.02 2.27 1.22
C PHE A 94 -1.43 2.13 0.78
N ALA A 95 -2.00 0.93 0.93
CA ALA A 95 -3.40 0.72 0.60
C ALA A 95 -4.03 0.50 1.97
N TYR A 96 -5.06 1.27 2.29
CA TYR A 96 -5.67 1.18 3.63
C TYR A 96 -7.17 0.95 3.55
N GLY A 97 -7.71 0.21 4.50
CA GLY A 97 -9.14 0.03 4.49
C GLY A 97 -9.63 -1.24 5.16
N GLN A 98 -10.93 -1.33 5.32
CA GLN A 98 -11.49 -2.51 5.95
C GLN A 98 -11.33 -3.76 5.08
N THR A 99 -11.31 -4.92 5.72
CA THR A 99 -11.18 -6.18 5.00
C THR A 99 -12.25 -6.25 3.92
N GLY A 100 -11.81 -6.57 2.71
CA GLY A 100 -12.73 -6.70 1.59
C GLY A 100 -13.11 -5.42 0.87
N ALA A 101 -12.48 -4.31 1.24
CA ALA A 101 -12.82 -3.03 0.63
C ALA A 101 -12.14 -2.78 -0.70
N GLY A 102 -11.00 -3.45 -0.92
CA GLY A 102 -10.29 -3.29 -2.18
C GLY A 102 -8.82 -3.00 -2.08
N LYS A 103 -8.19 -3.33 -0.95
CA LYS A 103 -6.76 -3.03 -0.82
C LYS A 103 -5.86 -3.85 -1.73
N SER A 104 -6.04 -5.18 -1.73
CA SER A 104 -5.23 -6.05 -2.57
C SER A 104 -5.52 -5.84 -4.05
N TYR A 105 -6.77 -5.63 -4.39
CA TYR A 105 -7.11 -5.42 -5.78
C TYR A 105 -6.40 -4.19 -6.32
N THR A 106 -6.24 -3.18 -5.45
CA THR A 106 -5.59 -1.93 -5.86
C THR A 106 -4.09 -2.05 -5.96
N MET A 107 -3.51 -2.86 -5.10
CA MET A 107 -2.05 -3.01 -5.09
C MET A 107 -1.59 -4.10 -6.07
N MET A 108 -2.13 -5.29 -5.94
CA MET A 108 -1.66 -6.27 -6.92
C MET A 108 -2.69 -6.51 -8.02
N GLY A 109 -3.96 -6.65 -7.70
CA GLY A 109 -4.95 -6.80 -8.73
C GLY A 109 -5.02 -8.21 -9.25
N LYS A 110 -5.47 -8.34 -10.49
CA LYS A 110 -5.59 -9.64 -11.07
C LYS A 110 -4.69 -9.75 -12.29
N GLN A 111 -4.02 -10.90 -12.38
CA GLN A 111 -3.08 -11.19 -13.46
C GLN A 111 -3.73 -11.11 -14.83
N GLU A 112 -5.04 -11.27 -14.83
CA GLU A 112 -5.81 -11.20 -16.05
C GLU A 112 -5.64 -9.86 -16.76
N LYS A 113 -6.01 -9.81 -18.03
CA LYS A 113 -5.93 -8.59 -18.83
C LYS A 113 -6.78 -7.48 -18.19
N ASP A 114 -6.20 -6.28 -18.10
CA ASP A 114 -6.90 -5.11 -17.57
C ASP A 114 -7.00 -4.89 -16.05
N GLN A 115 -6.66 -5.87 -15.23
CA GLN A 115 -6.81 -5.65 -13.80
C GLN A 115 -5.55 -5.69 -12.98
N GLN A 116 -4.42 -5.37 -13.62
CA GLN A 116 -3.19 -5.39 -12.87
C GLN A 116 -3.14 -4.18 -11.94
N GLY A 117 -2.79 -4.45 -10.69
CA GLY A 117 -2.70 -3.40 -9.68
C GLY A 117 -1.52 -2.48 -9.84
N ILE A 118 -1.24 -1.73 -8.78
CA ILE A 118 -0.14 -0.77 -8.80
C ILE A 118 1.22 -1.44 -8.80
N ILE A 119 1.39 -2.52 -8.04
CA ILE A 119 2.69 -3.15 -8.03
C ILE A 119 3.10 -3.65 -9.43
N PRO A 120 2.25 -4.46 -10.11
CA PRO A 120 2.58 -4.97 -11.44
C PRO A 120 2.90 -3.84 -12.44
N GLN A 121 2.01 -2.84 -12.49
CA GLN A 121 2.22 -1.71 -13.38
C GLN A 121 3.49 -0.93 -13.08
N LEU A 122 3.85 -0.83 -11.80
CA LEU A 122 5.05 -0.08 -11.43
C LEU A 122 6.28 -0.85 -11.81
N CYS A 123 6.26 -2.16 -11.57
CA CYS A 123 7.40 -2.98 -11.94
C CYS A 123 7.59 -2.93 -13.45
N GLU A 124 6.50 -3.11 -14.19
CA GLU A 124 6.58 -3.09 -15.64
C GLU A 124 7.11 -1.75 -16.14
N ASP A 125 6.55 -0.67 -15.64
CA ASP A 125 7.00 0.66 -16.04
C ASP A 125 8.48 0.84 -15.73
N LEU A 126 8.91 0.29 -14.61
CA LEU A 126 10.31 0.39 -14.21
C LEU A 126 11.29 -0.27 -15.18
N PHE A 127 11.05 -1.53 -15.53
CA PHE A 127 11.96 -2.20 -16.46
C PHE A 127 11.85 -1.59 -17.85
N SER A 128 10.65 -1.14 -18.19
CA SER A 128 10.42 -0.52 -19.48
C SER A 128 11.27 0.74 -19.64
N ARG A 129 11.30 1.57 -18.60
CA ARG A 129 12.09 2.80 -18.65
C ARG A 129 13.57 2.44 -18.62
N ILE A 130 13.91 1.43 -17.82
CA ILE A 130 15.29 0.98 -17.72
C ILE A 130 15.84 0.45 -19.05
N ASN A 131 15.06 -0.40 -19.74
CA ASN A 131 15.47 -0.98 -21.02
C ASN A 131 15.59 0.06 -22.15
N ASP A 132 15.10 1.27 -21.92
CA ASP A 132 15.19 2.32 -22.94
C ASP A 132 16.49 3.14 -22.81
N THR A 133 17.18 2.93 -21.70
CA THR A 133 18.43 3.64 -21.44
C THR A 133 19.43 3.46 -22.59
N THR A 134 19.57 4.51 -23.39
CA THR A 134 20.51 4.49 -24.51
C THR A 134 21.94 4.76 -24.06
N ASN A 135 22.08 5.58 -23.02
CA ASN A 135 23.40 5.91 -22.49
C ASN A 135 24.11 4.64 -22.04
N ASP A 136 25.24 4.35 -22.68
CA ASP A 136 26.06 3.17 -22.40
C ASP A 136 26.84 3.37 -21.10
N ASN A 137 26.67 4.53 -20.47
CA ASN A 137 27.37 4.82 -19.22
C ASN A 137 26.43 4.62 -18.04
N MET A 138 25.33 3.93 -18.29
CA MET A 138 24.28 3.67 -17.29
C MET A 138 24.17 2.17 -16.91
N SER A 139 24.13 1.91 -15.61
CA SER A 139 23.99 0.56 -15.07
C SER A 139 22.88 0.61 -14.02
N TYR A 140 22.03 -0.41 -13.96
CA TYR A 140 20.94 -0.44 -13.00
C TYR A 140 20.87 -1.79 -12.31
N SER A 141 20.38 -1.80 -11.08
CA SER A 141 20.21 -3.04 -10.34
C SER A 141 18.88 -2.93 -9.59
N VAL A 142 18.14 -4.03 -9.59
CA VAL A 142 16.84 -4.06 -8.96
C VAL A 142 16.76 -5.31 -8.08
N GLU A 143 16.70 -5.10 -6.77
CA GLU A 143 16.62 -6.19 -5.81
C GLU A 143 15.21 -6.11 -5.24
N VAL A 144 14.64 -7.25 -4.90
CA VAL A 144 13.28 -7.26 -4.39
C VAL A 144 13.09 -8.15 -3.17
N SER A 145 12.13 -7.79 -2.33
CA SER A 145 11.81 -8.55 -1.14
C SER A 145 10.31 -8.47 -1.03
N TYR A 146 9.71 -9.52 -0.50
CA TYR A 146 8.26 -9.57 -0.37
C TYR A 146 8.04 -10.28 0.96
N MET A 147 7.32 -9.64 1.87
CA MET A 147 7.15 -10.20 3.20
C MET A 147 5.79 -9.84 3.78
N GLU A 148 5.44 -10.49 4.89
CA GLU A 148 4.22 -10.18 5.61
C GLU A 148 4.59 -9.93 7.06
N ILE A 149 3.93 -8.96 7.69
CA ILE A 149 4.19 -8.65 9.09
C ILE A 149 2.97 -9.08 9.88
N TYR A 150 3.17 -10.08 10.73
CA TYR A 150 2.10 -10.61 11.52
C TYR A 150 2.61 -10.69 12.95
N CYS A 151 1.85 -10.06 13.86
CA CYS A 151 2.17 -9.98 15.27
C CYS A 151 3.65 -9.76 15.53
N GLU A 152 4.16 -8.70 14.92
CA GLU A 152 5.55 -8.32 15.08
C GLU A 152 6.55 -9.32 14.50
N ARG A 153 6.05 -10.35 13.83
CA ARG A 153 6.91 -11.36 13.22
C ARG A 153 6.84 -11.20 11.70
N VAL A 154 7.96 -11.42 11.00
CA VAL A 154 7.98 -11.31 9.54
C VAL A 154 8.06 -12.67 8.85
N ARG A 155 7.25 -12.84 7.82
CA ARG A 155 7.21 -14.08 7.02
C ARG A 155 7.77 -13.80 5.63
N ASP A 156 8.84 -14.50 5.24
CA ASP A 156 9.40 -14.28 3.91
C ASP A 156 8.44 -14.90 2.89
N LEU A 157 7.81 -14.07 2.07
CA LEU A 157 6.86 -14.55 1.07
C LEU A 157 7.56 -15.12 -0.16
N LEU A 158 8.86 -14.84 -0.29
CA LEU A 158 9.62 -15.33 -1.43
C LEU A 158 10.38 -16.64 -1.11
N ASN A 159 10.18 -17.25 0.06
CA ASN A 159 10.90 -18.50 0.29
C ASN A 159 10.11 -19.44 1.20
N PRO A 160 9.70 -20.54 0.56
CA PRO A 160 8.87 -21.54 1.26
C PRO A 160 9.74 -22.51 2.08
N LYS A 161 10.38 -22.03 3.13
CA LYS A 161 11.24 -22.89 3.95
C LYS A 161 11.86 -22.05 5.07
N ASN A 162 11.16 -21.01 5.50
CA ASN A 162 11.53 -20.00 6.49
C ASN A 162 10.49 -18.90 6.58
N LYS A 163 9.37 -19.22 7.25
CA LYS A 163 8.28 -18.24 7.36
C LYS A 163 7.73 -18.19 8.78
N GLY A 164 7.08 -17.05 9.10
CA GLY A 164 6.52 -16.89 10.42
C GLY A 164 7.56 -16.46 11.45
N ASN A 165 8.89 -16.48 11.24
CA ASN A 165 9.81 -16.49 12.35
C ASN A 165 10.80 -15.36 12.32
N LEU A 166 11.00 -14.80 11.12
CA LEU A 166 11.94 -13.71 10.91
C LEU A 166 11.62 -12.54 11.84
N ARG A 167 12.67 -11.89 12.36
CA ARG A 167 12.50 -10.75 13.25
C ARG A 167 13.23 -9.53 12.70
N VAL A 168 12.66 -8.35 12.90
CA VAL A 168 13.28 -7.11 12.44
C VAL A 168 14.36 -6.70 13.43
N ARG A 169 15.48 -6.17 12.93
CA ARG A 169 16.57 -5.73 13.79
C ARG A 169 16.94 -4.29 13.42
N GLU A 170 17.89 -3.70 14.15
CA GLU A 170 18.32 -2.36 13.86
C GLU A 170 19.83 -2.30 13.85
N HIS A 171 20.38 -2.10 12.65
CA HIS A 171 21.83 -2.02 12.50
C HIS A 171 22.27 -0.74 13.22
N PRO A 172 23.31 -0.81 14.05
CA PRO A 172 23.74 0.41 14.75
C PRO A 172 23.96 1.62 13.84
N LEU A 173 24.19 1.37 12.55
CA LEU A 173 24.43 2.48 11.62
C LEU A 173 23.62 2.46 10.31
N LEU A 174 23.30 1.26 9.82
CA LEU A 174 22.57 1.16 8.55
C LEU A 174 21.05 1.28 8.62
N GLY A 175 20.48 1.03 9.80
CA GLY A 175 19.03 1.14 9.91
C GLY A 175 18.37 -0.16 10.23
N PRO A 176 17.04 -0.19 10.30
CA PRO A 176 16.33 -1.42 10.62
C PRO A 176 16.36 -2.37 9.42
N TYR A 177 16.23 -3.66 9.70
CA TYR A 177 16.25 -4.66 8.64
C TYR A 177 15.76 -5.99 9.19
N VAL A 178 15.22 -6.82 8.30
CA VAL A 178 14.74 -8.14 8.70
C VAL A 178 15.90 -9.10 8.53
N GLU A 179 16.24 -9.83 9.59
CA GLU A 179 17.36 -10.76 9.52
C GLU A 179 17.00 -11.93 8.61
N ASP A 180 17.93 -12.30 7.75
CA ASP A 180 17.73 -13.44 6.85
C ASP A 180 16.53 -13.37 5.93
N LEU A 181 16.26 -12.20 5.39
CA LEU A 181 15.14 -12.04 4.47
C LEU A 181 15.72 -12.14 3.07
N SER A 182 15.01 -12.85 2.21
CA SER A 182 15.47 -13.03 0.83
C SER A 182 15.38 -11.71 0.09
N LYS A 183 16.45 -11.36 -0.59
CA LYS A 183 16.50 -10.15 -1.39
C LYS A 183 17.09 -10.60 -2.72
N LEU A 184 16.24 -10.69 -3.74
CA LEU A 184 16.65 -11.18 -5.06
C LEU A 184 16.86 -10.20 -6.18
N ALA A 185 18.00 -10.32 -6.85
CA ALA A 185 18.32 -9.48 -7.99
C ALA A 185 17.55 -10.02 -9.20
N VAL A 186 16.73 -9.16 -9.80
CA VAL A 186 15.97 -9.54 -10.98
C VAL A 186 16.45 -8.67 -12.12
N THR A 187 16.52 -9.25 -13.32
CA THR A 187 16.99 -8.52 -14.48
C THR A 187 15.93 -8.25 -15.53
N SER A 188 14.72 -8.75 -15.30
CA SER A 188 13.65 -8.54 -16.27
C SER A 188 12.31 -8.49 -15.58
N TYR A 189 11.30 -8.09 -16.34
CA TYR A 189 9.94 -7.99 -15.84
C TYR A 189 9.32 -9.37 -15.68
N ASN A 190 9.47 -10.22 -16.69
CA ASN A 190 8.92 -11.58 -16.63
C ASN A 190 9.43 -12.24 -15.35
N ASP A 191 10.67 -11.93 -15.00
CA ASP A 191 11.29 -12.47 -13.79
C ASP A 191 10.64 -11.95 -12.50
N ILE A 192 10.59 -10.63 -12.36
CA ILE A 192 10.00 -10.06 -11.16
C ILE A 192 8.52 -10.44 -11.10
N GLN A 193 7.91 -10.62 -12.27
CA GLN A 193 6.50 -11.02 -12.32
C GLN A 193 6.29 -12.41 -11.74
N ASP A 194 7.34 -13.24 -11.77
CA ASP A 194 7.25 -14.59 -11.21
C ASP A 194 7.31 -14.52 -9.69
N LEU A 195 8.23 -13.72 -9.19
CA LEU A 195 8.39 -13.56 -7.75
C LEU A 195 7.11 -13.09 -7.06
N MET A 196 6.45 -12.04 -7.58
CA MET A 196 5.27 -11.71 -6.80
C MET A 196 4.11 -12.64 -7.11
N ASP A 197 4.10 -13.32 -8.25
CA ASP A 197 3.07 -14.35 -8.49
C ASP A 197 3.30 -15.42 -7.44
N SER A 198 4.58 -15.72 -7.21
CA SER A 198 4.94 -16.73 -6.23
C SER A 198 4.66 -16.21 -4.82
N GLY A 199 4.94 -14.93 -4.59
CA GLY A 199 4.67 -14.33 -3.28
C GLY A 199 3.18 -14.22 -3.04
N ASN A 200 2.43 -13.85 -4.08
CA ASN A 200 0.98 -13.73 -3.97
C ASN A 200 0.24 -15.02 -3.62
N LYS A 201 0.71 -16.17 -4.13
CA LYS A 201 0.04 -17.42 -3.83
C LYS A 201 0.33 -17.81 -2.39
N PRO A 202 1.55 -17.49 -1.96
CA PRO A 202 1.97 -17.78 -0.58
C PRO A 202 1.02 -17.07 0.38
N ARG A 203 0.50 -15.93 -0.06
CA ARG A 203 -0.43 -15.12 0.73
C ARG A 203 -1.77 -15.81 0.97
N THR A 204 -2.20 -16.62 0.01
CA THR A 204 -3.50 -17.26 0.14
C THR A 204 -3.58 -18.78 0.10
N VAL A 205 -2.49 -19.46 0.39
CA VAL A 205 -2.50 -20.91 0.42
C VAL A 205 -3.39 -21.36 1.57
N ALA A 206 -3.95 -22.56 1.47
CA ALA A 206 -4.84 -23.09 2.48
C ALA A 206 -4.44 -22.82 3.95
N ALA A 207 -3.15 -22.96 4.24
CA ALA A 207 -2.66 -22.77 5.60
C ALA A 207 -2.82 -21.36 6.17
N THR A 208 -2.93 -20.35 5.31
CA THR A 208 -3.07 -18.99 5.76
C THR A 208 -4.40 -18.72 6.43
N ASN A 209 -5.36 -19.63 6.26
CA ASN A 209 -6.68 -19.45 6.84
C ASN A 209 -6.77 -19.83 8.31
N MET A 210 -5.68 -20.33 8.88
CA MET A 210 -5.67 -20.66 10.27
C MET A 210 -5.80 -19.37 11.08
N ASN A 211 -4.85 -18.45 10.86
CA ASN A 211 -4.87 -17.15 11.51
C ASN A 211 -5.31 -16.09 10.51
N GLU A 212 -5.77 -16.53 9.36
CA GLU A 212 -6.23 -15.64 8.30
C GLU A 212 -5.25 -14.50 8.07
N THR A 213 -3.98 -14.83 7.96
CA THR A 213 -2.92 -13.85 7.75
C THR A 213 -3.08 -13.02 6.49
N SER A 214 -4.05 -13.39 5.66
CA SER A 214 -4.30 -12.70 4.42
C SER A 214 -4.85 -11.29 4.69
N SER A 215 -5.68 -11.18 5.71
CA SER A 215 -6.27 -9.89 6.06
C SER A 215 -5.80 -9.29 7.40
N ARG A 216 -5.01 -10.04 8.17
CA ARG A 216 -4.55 -9.55 9.45
C ARG A 216 -3.04 -9.40 9.57
N SER A 217 -2.37 -9.27 8.42
CA SER A 217 -0.93 -9.09 8.38
C SER A 217 -0.71 -7.99 7.35
N HIS A 218 0.45 -7.35 7.38
CA HIS A 218 0.78 -6.31 6.42
C HIS A 218 1.71 -6.92 5.39
N ALA A 219 1.38 -6.75 4.11
CA ALA A 219 2.19 -7.28 3.03
C ALA A 219 3.03 -6.15 2.49
N VAL A 220 4.34 -6.31 2.55
CA VAL A 220 5.28 -5.30 2.10
C VAL A 220 6.15 -5.80 0.94
N PHE A 221 6.00 -5.16 -0.22
CA PHE A 221 6.78 -5.50 -1.40
C PHE A 221 7.88 -4.46 -1.56
N ASN A 222 9.12 -4.82 -1.25
CA ASN A 222 10.25 -3.88 -1.35
C ASN A 222 11.18 -4.07 -2.55
N ILE A 223 11.59 -2.95 -3.13
CA ILE A 223 12.43 -2.92 -4.30
C ILE A 223 13.54 -1.86 -4.11
N ILE A 224 14.78 -2.31 -4.05
CA ILE A 224 15.90 -1.41 -3.91
C ILE A 224 16.40 -1.19 -5.33
N PHE A 225 16.24 0.03 -5.83
CA PHE A 225 16.63 0.40 -7.17
C PHE A 225 17.92 1.23 -7.19
N THR A 226 19.02 0.62 -7.64
CA THR A 226 20.31 1.32 -7.71
C THR A 226 20.65 1.80 -9.11
N GLN A 227 21.01 3.07 -9.22
CA GLN A 227 21.39 3.66 -10.49
C GLN A 227 22.88 3.98 -10.40
N LYS A 228 23.65 3.55 -11.41
CA LYS A 228 25.08 3.80 -11.43
C LYS A 228 25.44 4.49 -12.73
N ARG A 229 25.95 5.71 -12.63
CA ARG A 229 26.31 6.48 -13.80
C ARG A 229 27.80 6.52 -14.05
N HIS A 230 28.19 6.43 -15.31
CA HIS A 230 29.60 6.47 -15.68
C HIS A 230 29.94 7.70 -16.51
N ASP A 231 30.95 8.43 -16.02
CA ASP A 231 31.29 9.59 -16.84
C ASP A 231 32.73 9.50 -17.36
N THR A 234 35.82 8.74 -16.43
CA THR A 234 36.57 10.00 -16.44
C THR A 234 36.11 10.93 -15.31
N ASN A 235 36.00 10.33 -14.10
CA ASN A 235 36.31 8.92 -13.96
C ASN A 235 35.36 8.24 -12.97
N ILE A 236 35.26 8.84 -11.77
CA ILE A 236 34.38 8.26 -10.76
C ILE A 236 33.03 7.85 -11.36
N THR A 237 32.56 6.73 -10.82
CA THR A 237 31.24 6.23 -11.16
C THR A 237 30.34 6.68 -10.04
N THR A 238 29.17 7.16 -10.39
CA THR A 238 28.21 7.66 -9.41
C THR A 238 27.06 6.66 -9.22
N GLU A 239 26.57 6.61 -7.98
CA GLU A 239 25.55 5.66 -7.53
C GLU A 239 24.34 6.28 -6.86
N LYS A 240 23.14 6.03 -7.37
CA LYS A 240 21.92 6.55 -6.76
C LYS A 240 21.07 5.36 -6.35
N VAL A 241 20.79 5.22 -5.06
CA VAL A 241 19.98 4.12 -4.58
C VAL A 241 18.69 4.61 -3.91
N SER A 242 17.56 4.14 -4.42
CA SER A 242 16.27 4.53 -3.87
C SER A 242 15.49 3.30 -3.43
N LYS A 243 14.71 3.42 -2.37
CA LYS A 243 13.93 2.31 -1.86
C LYS A 243 12.47 2.57 -2.17
N ILE A 244 11.78 1.52 -2.59
CA ILE A 244 10.38 1.62 -2.96
C ILE A 244 9.63 0.59 -2.15
N SER A 245 8.66 1.05 -1.37
CA SER A 245 7.86 0.16 -0.56
C SER A 245 6.41 0.32 -0.92
N LEU A 246 5.80 -0.79 -1.31
CA LEU A 246 4.42 -0.82 -1.71
C LEU A 246 3.79 -1.70 -0.68
N VAL A 247 2.70 -1.24 -0.08
CA VAL A 247 2.14 -2.02 1.02
C VAL A 247 0.66 -2.26 1.03
N ASP A 248 0.30 -3.46 1.43
CA ASP A 248 -1.08 -3.86 1.48
C ASP A 248 -1.32 -4.15 2.96
N LEU A 249 -1.75 -3.11 3.67
CA LEU A 249 -2.00 -3.17 5.10
C LEU A 249 -3.06 -4.14 5.55
N ALA A 250 -2.92 -4.58 6.79
CA ALA A 250 -3.89 -5.48 7.40
C ALA A 250 -5.18 -4.67 7.44
N GLY A 251 -6.30 -5.35 7.63
CA GLY A 251 -7.60 -4.68 7.66
C GLY A 251 -7.80 -3.71 8.81
N SER A 252 -8.33 -2.53 8.50
CA SER A 252 -8.56 -1.48 9.47
C SER A 252 -9.57 -1.79 10.57
N GLU A 253 -10.58 -2.61 10.26
CA GLU A 253 -11.58 -2.97 11.26
C GLU A 253 -11.02 -3.95 12.28
N ARG A 254 -9.85 -4.49 11.98
CA ARG A 254 -9.19 -5.48 12.84
C ARG A 254 -8.32 -4.72 13.87
N ALA A 255 -8.32 -3.39 13.77
CA ALA A 255 -7.54 -2.55 14.68
C ALA A 255 -8.07 -2.64 16.11
N ASP A 256 -9.15 -3.40 16.30
CA ASP A 256 -9.73 -3.55 17.63
C ASP A 256 -8.91 -4.53 18.47
N SER A 257 -8.56 -4.10 19.67
CA SER A 257 -7.76 -4.92 20.58
C SER A 257 -8.55 -5.29 21.81
N THR A 258 -9.83 -5.57 21.65
CA THR A 258 -10.66 -5.90 22.79
C THR A 258 -11.36 -7.23 22.65
N GLY A 259 -11.16 -7.91 21.55
CA GLY A 259 -11.82 -9.18 21.37
C GLY A 259 -12.89 -9.14 20.33
N ALA A 260 -13.12 -8.04 19.65
CA ALA A 260 -14.17 -8.11 18.66
C ALA A 260 -13.51 -7.92 17.32
N LYS A 261 -13.97 -8.71 16.38
CA LYS A 261 -14.90 -9.79 16.68
C LYS A 261 -14.34 -11.12 16.21
N GLY A 262 -13.62 -11.80 17.08
CA GLY A 262 -13.03 -13.06 16.75
C GLY A 262 -11.56 -12.75 16.57
N THR A 263 -11.22 -11.47 16.64
CA THR A 263 -9.85 -11.14 16.44
C THR A 263 -9.20 -11.13 17.80
N ARG A 264 -7.99 -11.65 17.86
CA ARG A 264 -7.31 -11.86 19.13
C ARG A 264 -6.69 -10.58 19.62
N LEU A 265 -6.34 -10.59 20.90
CA LEU A 265 -5.76 -9.42 21.56
C LEU A 265 -4.41 -9.02 21.00
N LYS A 266 -3.46 -9.95 20.94
CA LYS A 266 -2.14 -9.62 20.42
C LYS A 266 -2.21 -9.22 18.94
N GLU A 267 -3.27 -9.65 18.28
CA GLU A 267 -3.50 -9.40 16.88
C GLU A 267 -3.97 -7.97 16.57
N GLY A 268 -5.09 -7.58 17.16
CA GLY A 268 -5.62 -6.23 16.94
C GLY A 268 -4.75 -5.17 17.60
N ALA A 269 -4.21 -5.50 18.77
CA ALA A 269 -3.33 -4.60 19.50
C ALA A 269 -2.22 -4.20 18.56
N ASN A 270 -1.63 -5.20 17.92
CA ASN A 270 -0.53 -4.96 17.00
C ASN A 270 -0.98 -4.18 15.80
N ILE A 271 -2.18 -4.48 15.32
CA ILE A 271 -2.71 -3.80 14.14
C ILE A 271 -3.16 -2.38 14.43
N ASN A 272 -3.77 -2.18 15.59
CA ASN A 272 -4.22 -0.84 16.00
C ASN A 272 -2.96 -0.01 16.11
N LYS A 273 -2.00 -0.52 16.85
CA LYS A 273 -0.74 0.16 17.06
C LYS A 273 -0.05 0.53 15.76
N SER A 274 -0.09 -0.39 14.80
CA SER A 274 0.54 -0.20 13.50
C SER A 274 -0.14 0.86 12.66
N LEU A 275 -1.47 0.80 12.57
CA LEU A 275 -2.22 1.78 11.79
C LEU A 275 -2.24 3.16 12.45
N THR A 276 -2.27 3.17 13.79
CA THR A 276 -2.27 4.43 14.54
C THR A 276 -0.93 5.13 14.32
N THR A 277 0.15 4.41 14.57
CA THR A 277 1.47 4.98 14.41
C THR A 277 1.69 5.51 12.99
N LEU A 278 1.30 4.71 12.00
CA LEU A 278 1.43 5.11 10.59
C LEU A 278 0.65 6.39 10.35
N GLY A 279 -0.48 6.51 11.03
CA GLY A 279 -1.30 7.69 10.88
C GLY A 279 -0.60 8.93 11.41
N LYS A 280 0.12 8.77 12.51
CA LYS A 280 0.85 9.87 13.12
C LYS A 280 2.02 10.25 12.23
N VAL A 281 2.75 9.24 11.76
CA VAL A 281 3.90 9.48 10.88
C VAL A 281 3.50 10.24 9.61
N ILE A 282 2.45 9.79 8.94
CA ILE A 282 2.01 10.42 7.70
C ILE A 282 1.48 11.84 7.85
N SER A 283 0.67 12.08 8.88
CA SER A 283 0.15 13.42 9.09
C SER A 283 1.33 14.30 9.48
N ALA A 284 2.29 13.71 10.20
CA ALA A 284 3.47 14.43 10.63
C ALA A 284 4.28 14.87 9.42
N LEU A 285 4.34 14.00 8.40
CA LEU A 285 5.06 14.29 7.18
C LEU A 285 4.31 15.35 6.37
N ALA A 286 3.01 15.42 6.56
CA ALA A 286 2.17 16.39 5.86
C ALA A 286 2.28 17.81 6.45
N GLU A 287 2.22 17.91 7.77
CA GLU A 287 2.32 19.21 8.44
C GLU A 287 3.65 19.82 8.03
N MET A 288 4.62 18.95 7.83
CA MET A 288 6.00 19.28 7.46
C MET A 288 6.10 19.91 6.06
N ASP A 289 5.39 19.33 5.10
CA ASP A 289 5.46 19.78 3.72
C ASP A 289 4.57 20.98 3.46
N SER A 290 3.77 21.36 4.46
CA SER A 290 2.86 22.50 4.34
C SER A 290 3.58 23.83 4.50
N GLY A 291 4.60 23.86 5.35
CA GLY A 291 5.36 25.07 5.57
C GLY A 291 6.14 25.57 4.38
N PRO A 292 6.56 24.68 3.45
CA PRO A 292 7.32 25.05 2.24
C PRO A 292 6.49 25.51 1.04
N PHE A 303 12.09 13.88 13.63
CA PHE A 303 12.08 12.66 14.43
C PHE A 303 10.61 12.24 14.65
N ILE A 304 10.28 10.98 14.50
CA ILE A 304 8.89 10.56 14.72
C ILE A 304 8.89 9.23 15.45
N PRO A 305 7.75 8.85 16.04
CA PRO A 305 7.66 7.57 16.77
C PRO A 305 7.55 6.37 15.83
N TYR A 306 8.61 6.12 15.07
CA TYR A 306 8.61 5.01 14.15
C TYR A 306 8.75 3.71 14.93
N ARG A 307 9.32 3.82 16.13
CA ARG A 307 9.55 2.67 16.99
C ARG A 307 8.28 2.10 17.61
N ASP A 308 7.20 2.87 17.57
CA ASP A 308 5.94 2.43 18.15
C ASP A 308 5.33 1.19 17.47
N SER A 309 5.84 0.83 16.28
CA SER A 309 5.34 -0.35 15.56
C SER A 309 6.40 -0.93 14.65
N VAL A 310 6.39 -2.25 14.51
CA VAL A 310 7.37 -2.91 13.65
C VAL A 310 7.26 -2.42 12.21
N LEU A 311 6.04 -2.10 11.77
CA LEU A 311 5.85 -1.62 10.42
C LEU A 311 6.47 -0.24 10.17
N THR A 312 6.11 0.74 10.99
CA THR A 312 6.67 2.09 10.81
C THR A 312 8.15 2.09 11.15
N TRP A 313 8.57 1.10 11.92
CA TRP A 313 9.97 0.99 12.30
C TRP A 313 10.81 0.45 11.15
N LEU A 314 10.28 -0.56 10.46
CA LEU A 314 11.01 -1.14 9.34
C LEU A 314 11.06 -0.18 8.17
N LEU A 315 10.00 0.59 7.98
CA LEU A 315 9.93 1.56 6.89
C LEU A 315 10.39 2.98 7.23
N ARG A 316 11.08 3.15 8.37
CA ARG A 316 11.56 4.46 8.80
C ARG A 316 12.16 5.30 7.68
N GLU A 317 13.09 4.72 6.94
CA GLU A 317 13.75 5.44 5.86
C GLU A 317 12.86 5.81 4.68
N ASN A 318 11.68 5.21 4.57
CA ASN A 318 10.77 5.54 3.49
C ASN A 318 9.76 6.61 3.90
N LEU A 319 9.72 6.91 5.20
CA LEU A 319 8.82 7.92 5.75
C LEU A 319 9.73 9.01 6.32
N GLY A 320 10.86 9.25 5.64
CA GLY A 320 11.83 10.23 6.08
C GLY A 320 11.43 11.66 5.77
N GLY A 321 12.43 12.51 5.51
CA GLY A 321 12.15 13.90 5.20
C GLY A 321 12.00 14.16 3.73
N ASN A 322 12.93 13.64 2.93
CA ASN A 322 12.87 13.85 1.49
C ASN A 322 12.14 12.71 0.80
N SER A 323 11.47 11.88 1.60
CA SER A 323 10.72 10.75 1.07
C SER A 323 9.36 11.20 0.57
N ARG A 324 8.78 10.45 -0.37
CA ARG A 324 7.44 10.76 -0.87
C ARG A 324 6.58 9.56 -0.60
N THR A 325 5.36 9.84 -0.14
CA THR A 325 4.44 8.80 0.21
C THR A 325 3.06 9.09 -0.33
N ALA A 326 2.30 8.03 -0.55
CA ALA A 326 0.94 8.15 -1.05
C ALA A 326 0.17 7.04 -0.40
N MET A 327 -1.11 7.27 -0.15
CA MET A 327 -1.94 6.27 0.44
C MET A 327 -3.17 6.21 -0.38
N VAL A 328 -3.81 5.05 -0.44
CA VAL A 328 -5.05 4.90 -1.19
C VAL A 328 -5.94 4.20 -0.18
N ALA A 329 -7.05 4.83 0.17
CA ALA A 329 -7.95 4.22 1.14
C ALA A 329 -9.08 3.58 0.37
N ALA A 330 -9.22 2.27 0.55
CA ALA A 330 -10.23 1.50 -0.14
C ALA A 330 -11.55 1.57 0.60
N LEU A 331 -12.63 1.81 -0.13
CA LEU A 331 -13.94 1.94 0.49
C LEU A 331 -15.04 1.05 -0.07
N SER A 332 -15.82 0.45 0.82
CA SER A 332 -16.96 -0.34 0.39
C SER A 332 -18.04 0.70 0.13
N PRO A 333 -18.96 0.41 -0.80
CA PRO A 333 -20.01 1.39 -1.09
C PRO A 333 -21.29 1.12 -0.34
N ALA A 334 -21.30 0.02 0.39
CA ALA A 334 -22.49 -0.42 1.09
C ALA A 334 -22.91 0.28 2.38
N ASP A 335 -24.24 0.39 2.53
CA ASP A 335 -24.85 0.99 3.71
C ASP A 335 -24.44 0.25 4.98
N ILE A 336 -24.38 -1.07 4.89
CA ILE A 336 -24.01 -1.91 6.04
C ILE A 336 -22.59 -1.74 6.54
N ASN A 337 -21.81 -0.92 5.86
CA ASN A 337 -20.42 -0.69 6.30
C ASN A 337 -20.18 0.78 6.59
N TYR A 338 -21.26 1.53 6.81
CA TYR A 338 -21.16 2.95 7.12
C TYR A 338 -20.13 3.25 8.21
N ASP A 339 -20.30 2.64 9.38
CA ASP A 339 -19.38 2.87 10.49
C ASP A 339 -17.92 2.80 10.10
N GLU A 340 -17.47 1.64 9.61
CA GLU A 340 -16.04 1.44 9.26
C GLU A 340 -15.60 2.22 8.01
N THR A 341 -16.54 2.54 7.14
CA THR A 341 -16.20 3.29 5.94
C THR A 341 -15.98 4.75 6.33
N LEU A 342 -16.81 5.25 7.25
CA LEU A 342 -16.68 6.64 7.76
C LEU A 342 -15.31 6.70 8.43
N SER A 343 -15.06 5.69 9.24
CA SER A 343 -13.80 5.56 9.94
C SER A 343 -12.59 5.60 9.02
N THR A 344 -12.76 5.13 7.79
CA THR A 344 -11.65 5.11 6.85
C THR A 344 -11.48 6.47 6.19
N LEU A 345 -12.60 7.15 5.96
CA LEU A 345 -12.57 8.48 5.38
C LEU A 345 -11.87 9.42 6.39
N ARG A 346 -12.26 9.36 7.66
CA ARG A 346 -11.65 10.19 8.70
C ARG A 346 -10.15 9.93 8.76
N TYR A 347 -9.78 8.65 8.80
CA TYR A 347 -8.37 8.27 8.85
C TYR A 347 -7.58 8.83 7.67
N ALA A 348 -8.18 8.82 6.49
CA ALA A 348 -7.50 9.33 5.30
C ALA A 348 -7.53 10.85 5.35
N ASP A 349 -8.59 11.37 5.96
CA ASP A 349 -8.77 12.80 6.10
C ASP A 349 -7.67 13.37 7.00
N ARG A 350 -7.42 12.72 8.14
CA ARG A 350 -6.39 13.17 9.07
C ARG A 350 -5.00 13.10 8.49
N ALA A 351 -4.74 12.06 7.73
CA ALA A 351 -3.42 11.83 7.14
C ALA A 351 -2.83 13.04 6.41
N LYS A 352 -3.69 13.94 5.95
CA LYS A 352 -3.26 15.09 5.18
C LYS A 352 -3.83 16.42 5.67
N GLN A 353 -5.12 16.61 5.39
CA GLN A 353 -5.85 17.82 5.75
C GLN A 353 -4.92 19.00 6.00
#